data_7LHS
#
_entry.id   7LHS
#
_cell.length_a   77.502
_cell.length_b   77.502
_cell.length_c   205.310
_cell.angle_alpha   90.000
_cell.angle_beta   90.000
_cell.angle_gamma   90.000
#
_symmetry.space_group_name_H-M   'P 43 21 2'
#
loop_
_entity.id
_entity.type
_entity.pdbx_description
1 polymer 'Phosphoadenosine phosphosulfate reductase'
2 non-polymer 'IRON/SULFUR CLUSTER'
3 non-polymer '2-(N-MORPHOLINO)-ETHANESULFONIC ACID'
4 non-polymer "ADENOSINE-5'-PHOSPHOSULFATE"
5 water water
#
_entity_poly.entity_id   1
_entity_poly.type   'polypeptide(L)'
_entity_poly.pdbx_seq_one_letter_code
;MSGETTRLTEPQLRELAARGAAELDGATATDMLRWTDETFGDIGGAGGGVSGHRGWTTCNYVVASNMADAVLVDLAAKVR
PGVPVIFLDTGYHFVETIGTRDAIESVYDVRVLNVTPEHTVAEQDELLGKDLFARNPHECCRLRKVVPLGKTLRGYSAWV
TGLRRVDAPTRANAPLVSFDETFKLVKVNPLAAWTDQDVQEYIADNDVLVNPLVREGYPSIGCAPCTAKPAEGADPRSGR
WQGLAKTECGLHASLEHHHHHH
;
_entity_poly.pdbx_strand_id   A,B
#
loop_
_chem_comp.id
_chem_comp.type
_chem_comp.name
_chem_comp.formula
ADX RNA linking ADENOSINE-5'-PHOSPHOSULFATE 'C10 H14 N5 O10 P S'
MES non-polymer '2-(N-MORPHOLINO)-ETHANESULFONIC ACID' 'C6 H13 N O4 S'
SF4 non-polymer 'IRON/SULFUR CLUSTER' 'Fe4 S4'
#
# COMPACT_ATOMS: atom_id res chain seq x y z
N THR A 5 15.45 11.01 33.15
CA THR A 5 14.51 11.00 32.04
C THR A 5 13.09 10.76 32.54
N THR A 6 12.17 10.44 31.62
CA THR A 6 10.78 10.18 31.93
C THR A 6 10.43 8.71 31.73
N ARG A 7 11.38 7.81 31.92
CA ARG A 7 11.16 6.37 31.83
C ARG A 7 11.30 5.74 33.21
N LEU A 8 10.48 4.74 33.49
CA LEU A 8 10.55 4.04 34.76
C LEU A 8 11.86 3.26 34.87
N THR A 9 12.25 2.96 36.10
CA THR A 9 13.50 2.26 36.35
C THR A 9 13.46 0.86 35.74
N GLU A 10 14.63 0.35 35.37
CA GLU A 10 14.72 -0.95 34.72
C GLU A 10 14.16 -2.08 35.58
N PRO A 11 14.48 -2.20 36.88
CA PRO A 11 13.82 -3.25 37.67
C PRO A 11 12.31 -3.08 37.75
N GLN A 12 11.83 -1.85 37.91
CA GLN A 12 10.39 -1.60 37.90
C GLN A 12 9.77 -2.01 36.57
N LEU A 13 10.46 -1.70 35.46
CA LEU A 13 9.94 -2.07 34.15
C LEU A 13 9.88 -3.58 33.98
N ARG A 14 10.91 -4.30 34.47
CA ARG A 14 10.89 -5.75 34.38
C ARG A 14 9.78 -6.35 35.22
N GLU A 15 9.59 -5.85 36.45
CA GLU A 15 8.54 -6.39 37.29
C GLU A 15 7.16 -6.10 36.70
N LEU A 16 6.98 -4.91 36.09
CA LEU A 16 5.72 -4.60 35.43
C LEU A 16 5.49 -5.50 34.22
N ALA A 17 6.54 -5.76 33.44
CA ALA A 17 6.39 -6.64 32.28
C ALA A 17 6.05 -8.06 32.71
N ALA A 18 6.68 -8.55 33.78
CA ALA A 18 6.37 -9.88 34.28
C ALA A 18 4.93 -9.95 34.79
N ARG A 19 4.50 -8.94 35.54
CA ARG A 19 3.14 -8.92 36.06
C ARG A 19 2.12 -8.85 34.93
N GLY A 20 2.41 -8.07 33.89
CA GLY A 20 1.51 -7.99 32.75
C GLY A 20 1.46 -9.29 31.96
N ALA A 21 2.60 -9.93 31.78
CA ALA A 21 2.62 -11.21 31.06
C ALA A 21 1.86 -12.29 31.84
N ALA A 22 1.98 -12.29 33.17
CA ALA A 22 1.28 -13.28 33.97
C ALA A 22 -0.21 -12.98 34.09
N GLU A 23 -0.58 -11.69 34.08
CA GLU A 23 -1.96 -11.28 34.29
C GLU A 23 -2.78 -11.28 33.00
N LEU A 24 -2.15 -11.01 31.85
CA LEU A 24 -2.86 -10.92 30.59
C LEU A 24 -2.80 -12.22 29.79
N ASP A 25 -2.74 -13.36 30.48
CA ASP A 25 -2.65 -14.65 29.82
C ASP A 25 -3.97 -14.96 29.12
N GLY A 26 -3.93 -15.08 27.80
CA GLY A 26 -5.13 -15.37 27.02
C GLY A 26 -6.12 -14.23 26.95
N ALA A 27 -5.63 -12.99 26.87
CA ALA A 27 -6.48 -11.82 26.78
C ALA A 27 -6.57 -11.34 25.34
N THR A 28 -7.63 -10.61 25.04
CA THR A 28 -7.81 -10.07 23.71
C THR A 28 -6.93 -8.84 23.52
N ALA A 29 -6.78 -8.43 22.25
CA ALA A 29 -5.94 -7.27 21.94
C ALA A 29 -6.44 -6.02 22.64
N THR A 30 -7.76 -5.84 22.70
CA THR A 30 -8.33 -4.68 23.39
C THR A 30 -8.01 -4.72 24.88
N ASP A 31 -8.03 -5.91 25.48
CA ASP A 31 -7.69 -6.03 26.91
C ASP A 31 -6.24 -5.66 27.16
N MET A 32 -5.34 -6.11 26.30
CA MET A 32 -3.92 -5.78 26.45
C MET A 32 -3.69 -4.28 26.26
N LEU A 33 -4.36 -3.68 25.28
CA LEU A 33 -4.21 -2.24 25.08
C LEU A 33 -4.79 -1.45 26.24
N ARG A 34 -5.91 -1.90 26.80
CA ARG A 34 -6.48 -1.24 27.96
C ARG A 34 -5.56 -1.34 29.17
N TRP A 35 -4.93 -2.50 29.36
CA TRP A 35 -3.98 -2.63 30.46
C TRP A 35 -2.78 -1.71 30.25
N THR A 36 -2.25 -1.65 29.03
CA THR A 36 -1.13 -0.75 28.75
C THR A 36 -1.52 0.70 28.99
N ASP A 37 -2.74 1.08 28.61
CA ASP A 37 -3.18 2.46 28.80
C ASP A 37 -3.39 2.78 30.27
N GLU A 38 -3.93 1.83 31.04
CA GLU A 38 -4.16 2.07 32.45
C GLU A 38 -2.86 2.07 33.25
N THR A 39 -1.83 1.38 32.75
CA THR A 39 -0.56 1.35 33.46
C THR A 39 0.35 2.52 33.09
N PHE A 40 0.48 2.82 31.80
CA PHE A 40 1.42 3.84 31.33
C PHE A 40 0.69 5.01 30.67
N GLY A 41 -0.43 5.43 31.27
CA GLY A 41 -1.23 6.49 30.69
C GLY A 41 -0.90 7.89 31.16
N ASP A 42 -0.91 8.11 32.47
CA ASP A 42 -0.73 9.44 33.05
C ASP A 42 0.67 9.55 33.67
N ILE A 43 1.04 10.80 33.97
CA ILE A 43 2.33 11.13 34.58
C ILE A 43 3.48 10.58 33.75
N THR A 57 0.55 14.13 23.47
CA THR A 57 -0.19 14.43 24.69
C THR A 57 0.58 13.97 25.92
N THR A 58 -0.13 13.71 27.02
CA THR A 58 0.47 13.28 28.28
C THR A 58 0.66 11.77 28.35
N CYS A 59 0.72 11.10 27.21
CA CYS A 59 0.82 9.65 27.17
C CYS A 59 2.25 9.18 27.41
N ASN A 60 2.40 8.05 28.10
CA ASN A 60 3.70 7.48 28.41
C ASN A 60 3.92 6.13 27.73
N TYR A 61 3.21 5.87 26.63
CA TYR A 61 3.44 4.68 25.83
C TYR A 61 3.14 5.02 24.38
N VAL A 62 3.78 4.31 23.46
CA VAL A 62 3.70 4.63 22.04
C VAL A 62 3.38 3.34 21.27
N VAL A 63 2.85 3.53 20.07
CA VAL A 63 2.49 2.44 19.17
C VAL A 63 3.35 2.55 17.92
N ALA A 64 3.82 1.41 17.42
CA ALA A 64 4.65 1.35 16.22
C ALA A 64 3.87 0.67 15.10
N SER A 65 3.85 1.28 13.93
CA SER A 65 3.12 0.74 12.79
C SER A 65 3.94 0.94 11.52
N ASN A 66 4.01 -0.10 10.69
CA ASN A 66 4.73 -0.07 9.43
C ASN A 66 3.87 0.44 8.28
N MET A 67 2.66 0.92 8.57
CA MET A 67 1.75 1.47 7.57
C MET A 67 1.38 0.45 6.50
N ALA A 68 1.31 -0.83 6.88
CA ALA A 68 0.74 -1.84 6.01
C ALA A 68 -0.78 -1.92 6.14
N ASP A 69 -1.30 -1.55 7.30
CA ASP A 69 -2.74 -1.46 7.55
C ASP A 69 -2.94 -0.65 8.82
N ALA A 70 -4.21 -0.42 9.16
CA ALA A 70 -4.57 0.40 10.32
C ALA A 70 -5.28 -0.42 11.39
N VAL A 71 -5.00 -1.72 11.47
CA VAL A 71 -5.64 -2.56 12.47
C VAL A 71 -5.20 -2.17 13.87
N LEU A 72 -3.89 -2.25 14.12
CA LEU A 72 -3.36 -1.86 15.43
C LEU A 72 -3.63 -0.40 15.72
N VAL A 73 -3.57 0.46 14.70
CA VAL A 73 -3.85 1.88 14.89
C VAL A 73 -5.31 2.09 15.27
N ASP A 74 -6.22 1.38 14.60
CA ASP A 74 -7.65 1.49 14.95
C ASP A 74 -7.90 1.03 16.38
N LEU A 75 -7.28 -0.09 16.77
CA LEU A 75 -7.48 -0.58 18.14
C LEU A 75 -6.92 0.39 19.16
N ALA A 76 -5.72 0.93 18.91
CA ALA A 76 -5.11 1.87 19.86
C ALA A 76 -5.90 3.17 19.94
N ALA A 77 -6.49 3.62 18.83
CA ALA A 77 -7.32 4.81 18.88
C ALA A 77 -8.65 4.54 19.58
N LYS A 78 -9.17 3.31 19.45
CA LYS A 78 -10.40 2.97 20.15
C LYS A 78 -10.19 2.86 21.66
N VAL A 79 -9.01 2.41 22.08
CA VAL A 79 -8.72 2.33 23.51
C VAL A 79 -8.14 3.63 24.07
N ARG A 80 -7.57 4.48 23.22
CA ARG A 80 -6.95 5.73 23.66
C ARG A 80 -6.97 6.71 22.49
N PRO A 81 -7.93 7.63 22.47
CA PRO A 81 -7.92 8.66 21.43
C PRO A 81 -6.71 9.58 21.57
N GLY A 82 -6.10 9.91 20.44
CA GLY A 82 -4.91 10.73 20.46
C GLY A 82 -3.64 10.01 20.83
N VAL A 83 -3.63 8.68 20.74
CA VAL A 83 -2.45 7.90 21.10
C VAL A 83 -1.32 8.20 20.12
N PRO A 84 -0.07 8.29 20.58
CA PRO A 84 1.03 8.52 19.63
C PRO A 84 1.44 7.25 18.90
N VAL A 85 1.71 7.40 17.61
CA VAL A 85 2.11 6.28 16.75
C VAL A 85 3.35 6.70 15.98
N ILE A 86 4.43 5.95 16.13
CA ILE A 86 5.69 6.25 15.47
C ILE A 86 5.77 5.50 14.15
N PHE A 87 6.34 6.16 13.15
CA PHE A 87 6.56 5.55 11.83
C PHE A 87 8.00 5.81 11.43
N LEU A 88 8.75 4.75 11.15
CA LEU A 88 10.16 4.85 10.82
C LEU A 88 10.31 5.15 9.34
N ASP A 89 10.49 6.43 9.01
CA ASP A 89 10.66 6.87 7.63
C ASP A 89 12.14 6.83 7.31
N THR A 90 12.60 5.68 6.79
CA THR A 90 13.99 5.50 6.44
C THR A 90 14.39 6.25 5.18
N GLY A 91 13.42 6.76 4.41
CA GLY A 91 13.68 7.40 3.14
C GLY A 91 13.61 6.48 1.94
N TYR A 92 13.62 5.16 2.16
CA TYR A 92 13.48 4.18 1.09
C TYR A 92 12.06 3.66 0.97
N HIS A 93 11.09 4.35 1.56
CA HIS A 93 9.72 3.86 1.59
C HIS A 93 9.05 4.02 0.23
N PHE A 94 7.99 3.25 0.04
CA PHE A 94 7.14 3.39 -1.14
C PHE A 94 6.32 4.67 -1.04
N VAL A 95 5.89 5.17 -2.21
CA VAL A 95 4.96 6.29 -2.21
C VAL A 95 3.62 5.87 -1.63
N GLU A 96 3.23 4.61 -1.87
CA GLU A 96 1.98 4.10 -1.30
C GLU A 96 2.07 3.98 0.22
N THR A 97 3.26 3.69 0.75
CA THR A 97 3.40 3.62 2.21
C THR A 97 3.24 4.99 2.84
N ILE A 98 3.83 6.03 2.25
CA ILE A 98 3.66 7.38 2.77
C ILE A 98 2.22 7.83 2.60
N GLY A 99 1.57 7.44 1.50
CA GLY A 99 0.16 7.75 1.33
C GLY A 99 -0.71 7.09 2.38
N THR A 100 -0.41 5.83 2.72
CA THR A 100 -1.13 5.15 3.78
C THR A 100 -0.90 5.81 5.13
N ARG A 101 0.32 6.26 5.37
CA ARG A 101 0.63 6.99 6.61
C ARG A 101 -0.21 8.27 6.71
N ASP A 102 -0.25 9.04 5.62
CA ASP A 102 -1.05 10.27 5.61
C ASP A 102 -2.52 9.97 5.78
N ALA A 103 -3.02 8.91 5.14
CA ALA A 103 -4.43 8.55 5.27
C ALA A 103 -4.77 8.15 6.70
N ILE A 104 -3.91 7.37 7.34
CA ILE A 104 -4.13 6.97 8.72
C ILE A 104 -4.10 8.17 9.65
N GLU A 105 -3.19 9.13 9.38
CA GLU A 105 -3.13 10.33 10.20
C GLU A 105 -4.40 11.18 10.04
N SER A 106 -4.88 11.34 8.81
CA SER A 106 -6.04 12.20 8.58
C SER A 106 -7.34 11.55 9.03
N VAL A 107 -7.43 10.23 8.96
CA VAL A 107 -8.68 9.53 9.25
C VAL A 107 -8.83 9.25 10.75
N TYR A 108 -7.80 8.69 11.37
CA TYR A 108 -7.90 8.22 12.74
C TYR A 108 -7.51 9.31 13.73
N ASP A 109 -8.01 9.17 14.96
CA ASP A 109 -7.68 10.10 16.04
C ASP A 109 -6.37 9.64 16.69
N VAL A 110 -5.29 9.85 15.94
CA VAL A 110 -3.95 9.40 16.34
C VAL A 110 -2.94 10.49 16.01
N ARG A 111 -2.03 10.74 16.96
CA ARG A 111 -0.93 11.67 16.76
C ARG A 111 0.26 10.89 16.20
N VAL A 112 0.53 11.06 14.91
CA VAL A 112 1.61 10.31 14.29
C VAL A 112 2.94 11.03 14.49
N LEU A 113 4.03 10.24 14.43
CA LEU A 113 5.38 10.77 14.57
C LEU A 113 6.24 10.19 13.45
N ASN A 114 6.72 11.06 12.56
CA ASN A 114 7.56 10.66 11.44
C ASN A 114 9.01 10.65 11.91
N VAL A 115 9.42 9.52 12.48
CA VAL A 115 10.79 9.37 12.99
C VAL A 115 11.73 9.17 11.80
N THR A 116 12.68 10.09 11.64
CA THR A 116 13.63 10.02 10.54
C THR A 116 15.06 9.92 11.07
N PRO A 117 15.93 9.21 10.36
CA PRO A 117 17.34 9.15 10.77
C PRO A 117 18.00 10.51 10.63
N GLU A 118 19.13 10.66 11.32
CA GLU A 118 19.85 11.93 11.29
C GLU A 118 20.43 12.22 9.92
N HIS A 119 20.71 11.19 9.13
CA HIS A 119 21.26 11.34 7.79
C HIS A 119 20.22 10.96 6.76
N THR A 120 20.18 11.72 5.66
CA THR A 120 19.24 11.44 4.57
C THR A 120 19.78 10.32 3.69
N VAL A 121 19.04 10.00 2.63
CA VAL A 121 19.46 8.94 1.72
C VAL A 121 20.69 9.38 0.93
N ALA A 122 20.67 10.60 0.41
CA ALA A 122 21.80 11.10 -0.35
C ALA A 122 23.02 11.31 0.55
N GLU A 123 22.80 11.76 1.77
CA GLU A 123 23.90 11.96 2.71
C GLU A 123 24.58 10.64 3.05
N GLN A 124 23.79 9.60 3.32
CA GLN A 124 24.37 8.30 3.61
C GLN A 124 25.04 7.70 2.39
N ASP A 125 24.45 7.89 1.21
CA ASP A 125 25.07 7.40 -0.01
C ASP A 125 26.40 8.09 -0.31
N GLU A 126 26.53 9.36 0.06
CA GLU A 126 27.79 10.07 -0.13
C GLU A 126 28.81 9.72 0.95
N LEU A 127 28.36 9.45 2.17
CA LEU A 127 29.30 9.19 3.27
C LEU A 127 29.82 7.77 3.24
N LEU A 128 28.93 6.78 3.17
CA LEU A 128 29.31 5.38 3.28
C LEU A 128 29.13 4.61 1.98
N GLY A 129 28.88 5.31 0.88
CA GLY A 129 28.70 4.64 -0.40
C GLY A 129 27.23 4.46 -0.75
N LYS A 130 26.95 4.46 -2.05
CA LYS A 130 25.58 4.32 -2.51
C LYS A 130 25.09 2.89 -2.35
N ASP A 131 23.78 2.77 -2.12
CA ASP A 131 23.11 1.48 -1.97
C ASP A 131 23.75 0.65 -0.84
N LEU A 132 23.68 1.20 0.38
CA LEU A 132 24.20 0.50 1.54
C LEU A 132 23.41 -0.77 1.83
N PHE A 133 22.14 -0.83 1.40
CA PHE A 133 21.34 -2.02 1.60
C PHE A 133 21.90 -3.21 0.83
N ALA A 134 22.56 -2.97 -0.30
CA ALA A 134 23.09 -4.05 -1.12
C ALA A 134 24.45 -4.52 -0.65
N ARG A 135 25.26 -3.62 -0.09
CA ARG A 135 26.61 -3.96 0.35
C ARG A 135 26.65 -4.44 1.80
N ASN A 136 25.90 -3.78 2.68
CA ASN A 136 25.84 -4.19 4.09
C ASN A 136 24.45 -3.83 4.62
N PRO A 137 23.50 -4.76 4.51
CA PRO A 137 22.13 -4.44 4.93
C PRO A 137 21.97 -4.29 6.43
N HIS A 138 22.77 -5.00 7.22
CA HIS A 138 22.66 -4.90 8.68
C HIS A 138 22.97 -3.49 9.16
N GLU A 139 24.03 -2.88 8.62
CA GLU A 139 24.39 -1.53 9.03
C GLU A 139 23.33 -0.52 8.58
N CYS A 140 22.75 -0.71 7.39
CA CYS A 140 21.69 0.18 6.95
C CYS A 140 20.47 0.09 7.86
N CYS A 141 20.05 -1.14 8.18
CA CYS A 141 18.91 -1.31 9.09
C CYS A 141 19.21 -0.77 10.48
N ARG A 142 20.46 -0.86 10.93
CA ARG A 142 20.82 -0.32 12.23
C ARG A 142 20.78 1.20 12.23
N LEU A 143 21.36 1.82 11.19
CA LEU A 143 21.48 3.27 11.17
C LEU A 143 20.14 3.94 10.91
N ARG A 144 19.31 3.35 10.05
CA ARG A 144 18.08 4.00 9.61
C ARG A 144 16.83 3.50 10.31
N LYS A 145 16.87 2.33 10.95
CA LYS A 145 15.70 1.81 11.66
C LYS A 145 15.93 1.67 13.16
N VAL A 146 17.00 0.99 13.56
CA VAL A 146 17.15 0.61 14.97
C VAL A 146 17.59 1.80 15.81
N VAL A 147 18.57 2.56 15.33
CA VAL A 147 19.11 3.70 16.08
C VAL A 147 18.05 4.80 16.21
N PRO A 148 17.34 5.21 15.15
CA PRO A 148 16.29 6.21 15.34
C PRO A 148 15.17 5.72 16.24
N LEU A 149 14.79 4.44 16.12
CA LEU A 149 13.76 3.88 16.99
C LEU A 149 14.21 3.94 18.45
N GLY A 150 15.48 3.64 18.72
CA GLY A 150 15.97 3.71 20.08
C GLY A 150 16.05 5.14 20.60
N LYS A 151 16.46 6.07 19.75
CA LYS A 151 16.51 7.48 20.15
C LYS A 151 15.11 8.02 20.42
N THR A 152 14.10 7.49 19.74
CA THR A 152 12.73 7.95 19.97
C THR A 152 12.12 7.29 21.21
N LEU A 153 12.36 6.00 21.41
CA LEU A 153 11.79 5.28 22.55
C LEU A 153 12.36 5.74 23.89
N ARG A 154 13.47 6.49 23.89
CA ARG A 154 14.00 7.02 25.14
C ARG A 154 13.02 8.03 25.70
N GLY A 155 12.31 7.64 26.77
CA GLY A 155 11.29 8.49 27.35
C GLY A 155 9.99 7.75 27.58
N TYR A 156 9.65 6.84 26.68
CA TYR A 156 8.46 6.00 26.83
C TYR A 156 8.77 4.76 27.65
N SER A 157 7.88 4.43 28.59
CA SER A 157 8.08 3.27 29.44
C SER A 157 7.62 1.97 28.78
N ALA A 158 6.82 2.06 27.72
CA ALA A 158 6.35 0.88 27.01
C ALA A 158 6.02 1.27 25.58
N TRP A 159 6.10 0.28 24.68
CA TRP A 159 5.76 0.50 23.28
C TRP A 159 4.99 -0.71 22.76
N VAL A 160 4.01 -0.44 21.90
CA VAL A 160 3.10 -1.46 21.39
C VAL A 160 3.46 -1.74 19.94
N THR A 161 3.52 -3.01 19.57
CA THR A 161 3.84 -3.43 18.22
C THR A 161 2.75 -4.36 17.68
N GLY A 162 2.68 -4.46 16.36
CA GLY A 162 1.71 -5.31 15.71
C GLY A 162 2.28 -6.65 15.28
N LEU A 163 3.27 -7.14 16.00
CA LEU A 163 3.89 -8.41 15.66
C LEU A 163 2.92 -9.56 15.91
N ARG A 164 2.88 -10.50 14.97
CA ARG A 164 2.03 -11.67 15.06
C ARG A 164 2.91 -12.92 15.03
N ARG A 165 2.54 -13.92 15.83
CA ARG A 165 3.36 -15.13 15.93
C ARG A 165 3.37 -15.96 14.64
N VAL A 166 2.49 -15.65 13.68
CA VAL A 166 2.47 -16.36 12.41
C VAL A 166 3.37 -15.70 11.37
N ASP A 167 4.03 -14.59 11.71
CA ASP A 167 4.85 -13.88 10.74
C ASP A 167 6.02 -14.74 10.28
N ALA A 168 6.63 -15.49 11.19
CA ALA A 168 7.78 -16.33 10.88
C ALA A 168 7.79 -17.50 11.84
N PRO A 169 8.43 -18.62 11.45
CA PRO A 169 8.54 -19.75 12.38
C PRO A 169 9.37 -19.43 13.61
N THR A 170 10.28 -18.46 13.52
CA THR A 170 11.08 -18.04 14.67
C THR A 170 10.30 -17.14 15.63
N ARG A 171 9.13 -16.65 15.22
CA ARG A 171 8.28 -15.81 16.07
C ARG A 171 7.15 -16.59 16.70
N ALA A 172 7.23 -17.92 16.70
CA ALA A 172 6.11 -18.74 17.19
C ALA A 172 5.85 -18.52 18.67
N ASN A 173 6.92 -18.33 19.46
CA ASN A 173 6.80 -18.13 20.89
C ASN A 173 6.83 -16.65 21.28
N ALA A 174 6.39 -15.77 20.39
CA ALA A 174 6.35 -14.34 20.68
C ALA A 174 5.44 -14.09 21.88
N PRO A 175 5.93 -13.51 22.97
CA PRO A 175 5.11 -13.33 24.16
C PRO A 175 4.14 -12.15 24.02
N LEU A 176 3.10 -12.20 24.84
CA LEU A 176 2.13 -11.11 24.87
C LEU A 176 2.74 -9.83 25.42
N VAL A 177 3.27 -9.89 26.64
CA VAL A 177 4.00 -8.79 27.26
C VAL A 177 5.35 -9.31 27.70
N SER A 178 6.39 -8.50 27.49
CA SER A 178 7.74 -8.88 27.88
C SER A 178 8.57 -7.63 28.07
N PHE A 179 9.85 -7.82 28.37
CA PHE A 179 10.80 -6.72 28.54
C PHE A 179 11.80 -6.76 27.39
N ASP A 180 11.61 -5.87 26.42
CA ASP A 180 12.57 -5.71 25.33
C ASP A 180 13.91 -5.27 25.88
N GLU A 181 14.92 -6.11 25.67
CA GLU A 181 16.29 -5.88 26.11
C GLU A 181 17.11 -5.07 25.12
N THR A 182 16.59 -4.84 23.91
CA THR A 182 17.30 -4.03 22.94
C THR A 182 17.13 -2.54 23.23
N PHE A 183 15.93 -2.13 23.61
CA PHE A 183 15.66 -0.76 24.02
C PHE A 183 15.37 -0.65 25.51
N LYS A 184 15.34 -1.78 26.22
CA LYS A 184 15.17 -1.83 27.68
C LYS A 184 13.86 -1.17 28.12
N LEU A 185 12.74 -1.77 27.69
CA LEU A 185 11.44 -1.26 28.11
C LEU A 185 10.38 -2.30 27.81
N VAL A 186 9.17 -2.05 28.29
CA VAL A 186 8.08 -3.02 28.15
C VAL A 186 7.63 -3.08 26.70
N LYS A 187 7.50 -4.29 26.18
CA LYS A 187 7.06 -4.55 24.81
C LYS A 187 5.81 -5.41 24.86
N VAL A 188 4.73 -4.92 24.23
CA VAL A 188 3.44 -5.60 24.24
C VAL A 188 2.97 -5.80 22.80
N ASN A 189 2.59 -7.03 22.46
CA ASN A 189 2.11 -7.37 21.12
C ASN A 189 0.67 -7.86 21.20
N PRO A 190 -0.31 -6.99 20.97
CA PRO A 190 -1.72 -7.44 21.06
C PRO A 190 -2.11 -8.40 19.94
N LEU A 191 -1.56 -8.24 18.75
CA LEU A 191 -1.92 -9.06 17.60
C LEU A 191 -1.09 -10.34 17.50
N ALA A 192 -0.49 -10.79 18.62
CA ALA A 192 0.35 -11.97 18.58
C ALA A 192 -0.48 -13.22 18.25
N ALA A 193 -1.53 -13.47 19.02
CA ALA A 193 -2.36 -14.65 18.81
C ALA A 193 -3.19 -14.56 17.53
N TRP A 194 -3.25 -13.40 16.90
CA TRP A 194 -4.06 -13.24 15.70
C TRP A 194 -3.45 -14.01 14.52
N THR A 195 -4.33 -14.54 13.68
CA THR A 195 -3.94 -15.24 12.46
C THR A 195 -4.33 -14.40 11.26
N ASP A 196 -4.12 -14.96 10.07
CA ASP A 196 -4.52 -14.27 8.84
C ASP A 196 -6.03 -14.11 8.77
N GLN A 197 -6.77 -15.15 9.16
CA GLN A 197 -8.22 -15.06 9.17
C GLN A 197 -8.69 -14.00 10.16
N ASP A 198 -8.01 -13.89 11.31
CA ASP A 198 -8.39 -12.90 12.31
C ASP A 198 -8.25 -11.48 11.76
N VAL A 199 -7.10 -11.16 11.17
CA VAL A 199 -6.88 -9.81 10.65
C VAL A 199 -7.80 -9.55 9.46
N GLN A 200 -8.06 -10.56 8.64
CA GLN A 200 -8.99 -10.39 7.52
C GLN A 200 -10.38 -10.05 8.02
N GLU A 201 -10.88 -10.80 9.00
CA GLU A 201 -12.21 -10.55 9.55
C GLU A 201 -12.27 -9.17 10.21
N TYR A 202 -11.19 -8.77 10.89
CA TYR A 202 -11.19 -7.45 11.52
C TYR A 202 -11.24 -6.34 10.48
N ILE A 203 -10.43 -6.45 9.43
CA ILE A 203 -10.43 -5.43 8.37
C ILE A 203 -11.79 -5.37 7.70
N ALA A 204 -12.44 -6.52 7.54
CA ALA A 204 -13.76 -6.53 6.91
C ALA A 204 -14.81 -5.88 7.80
N ASP A 205 -14.81 -6.22 9.10
CA ASP A 205 -15.85 -5.74 9.99
C ASP A 205 -15.64 -4.30 10.46
N ASN A 206 -14.43 -3.75 10.36
CA ASN A 206 -14.17 -2.41 10.83
C ASN A 206 -13.82 -1.42 9.73
N ASP A 207 -13.63 -1.87 8.49
CA ASP A 207 -13.33 -1.00 7.36
C ASP A 207 -12.11 -0.12 7.63
N VAL A 208 -10.99 -0.77 7.93
CA VAL A 208 -9.76 -0.09 8.26
C VAL A 208 -8.95 0.13 6.99
N LEU A 209 -8.20 1.22 6.96
CA LEU A 209 -7.37 1.53 5.80
C LEU A 209 -6.27 0.50 5.62
N VAL A 210 -5.93 0.23 4.37
CA VAL A 210 -4.94 -0.78 4.00
C VAL A 210 -4.04 -0.19 2.92
N ASN A 211 -2.75 -0.46 3.03
CA ASN A 211 -1.79 -0.01 2.03
C ASN A 211 -2.17 -0.56 0.66
N PRO A 212 -2.17 0.26 -0.39
CA PRO A 212 -2.56 -0.26 -1.72
C PRO A 212 -1.67 -1.38 -2.22
N LEU A 213 -0.40 -1.41 -1.82
CA LEU A 213 0.49 -2.47 -2.26
C LEU A 213 0.13 -3.81 -1.62
N VAL A 214 -0.44 -3.78 -0.42
CA VAL A 214 -0.91 -5.02 0.20
C VAL A 214 -2.06 -5.61 -0.61
N ARG A 215 -2.88 -4.76 -1.22
CA ARG A 215 -3.97 -5.24 -2.05
C ARG A 215 -3.46 -5.82 -3.37
N GLU A 216 -2.29 -5.39 -3.82
CA GLU A 216 -1.69 -5.85 -5.06
C GLU A 216 -0.81 -7.08 -4.87
N GLY A 217 -1.00 -7.82 -3.78
CA GLY A 217 -0.28 -9.07 -3.61
C GLY A 217 1.12 -8.95 -3.06
N TYR A 218 1.38 -7.95 -2.21
CA TYR A 218 2.70 -7.79 -1.60
C TYR A 218 2.73 -8.55 -0.28
N PRO A 219 3.68 -9.48 -0.09
CA PRO A 219 3.75 -10.22 1.18
C PRO A 219 3.95 -9.30 2.38
N SER A 220 5.02 -8.52 2.37
CA SER A 220 5.31 -7.56 3.41
C SER A 220 5.48 -6.17 2.80
N ILE A 221 5.52 -5.17 3.68
CA ILE A 221 5.69 -3.77 3.27
C ILE A 221 6.78 -3.16 4.12
N GLY A 222 7.84 -2.70 3.47
CA GLY A 222 8.94 -2.03 4.15
C GLY A 222 9.63 -1.08 3.22
N CYS A 223 10.96 -1.04 3.31
CA CYS A 223 11.74 -0.24 2.36
C CYS A 223 11.65 -0.87 0.97
N ALA A 224 11.64 -0.02 -0.05
CA ALA A 224 11.48 -0.50 -1.42
C ALA A 224 12.58 -1.46 -1.86
N PRO A 225 13.87 -1.19 -1.66
CA PRO A 225 14.90 -2.14 -2.13
C PRO A 225 14.97 -3.43 -1.33
N CYS A 226 14.31 -3.51 -0.17
CA CYS A 226 14.36 -4.69 0.68
C CYS A 226 12.99 -5.31 0.90
N THR A 227 12.13 -5.21 -0.11
CA THR A 227 10.78 -5.79 -0.05
C THR A 227 10.62 -6.79 -1.19
N ALA A 228 10.15 -7.99 -0.85
CA ALA A 228 9.97 -9.04 -1.84
C ALA A 228 8.84 -8.68 -2.80
N LYS A 229 9.18 -8.49 -4.07
CA LYS A 229 8.18 -8.15 -5.07
C LYS A 229 7.32 -9.38 -5.40
N PRO A 230 6.06 -9.15 -5.78
CA PRO A 230 5.20 -10.30 -6.13
C PRO A 230 5.71 -11.11 -7.31
N ALA A 231 6.10 -10.44 -8.39
CA ALA A 231 6.60 -11.12 -9.59
C ALA A 231 7.85 -11.93 -9.29
N LEU B 8 16.56 -0.09 -23.12
CA LEU B 8 16.53 0.89 -22.05
C LEU B 8 17.13 0.33 -20.77
N THR B 9 17.61 1.21 -19.90
CA THR B 9 18.25 0.81 -18.64
C THR B 9 17.49 1.40 -17.46
N GLU B 10 17.59 0.71 -16.32
CA GLU B 10 16.87 1.14 -15.11
C GLU B 10 17.28 2.52 -14.63
N PRO B 11 18.57 2.88 -14.55
CA PRO B 11 18.91 4.26 -14.16
C PRO B 11 18.37 5.31 -15.12
N GLN B 12 18.44 5.04 -16.42
CA GLN B 12 17.86 5.96 -17.39
C GLN B 12 16.37 6.12 -17.18
N LEU B 13 15.67 5.02 -16.88
CA LEU B 13 14.24 5.10 -16.61
C LEU B 13 13.96 5.90 -15.34
N ARG B 14 14.78 5.73 -14.31
CA ARG B 14 14.59 6.46 -13.07
C ARG B 14 14.78 7.96 -13.27
N GLU B 15 15.85 8.34 -13.97
CA GLU B 15 16.08 9.76 -14.22
C GLU B 15 15.03 10.34 -15.15
N LEU B 16 14.54 9.54 -16.12
CA LEU B 16 13.46 9.99 -16.99
C LEU B 16 12.17 10.22 -16.20
N ALA B 17 11.86 9.31 -15.26
CA ALA B 17 10.68 9.49 -14.43
C ALA B 17 10.81 10.73 -13.56
N ALA B 18 12.01 10.97 -13.02
CA ALA B 18 12.23 12.18 -12.22
C ALA B 18 12.05 13.44 -13.07
N ARG B 19 12.59 13.43 -14.29
CA ARG B 19 12.46 14.59 -15.17
C ARG B 19 11.00 14.82 -15.55
N GLY B 20 10.25 13.74 -15.79
CA GLY B 20 8.83 13.89 -16.10
C GLY B 20 8.03 14.40 -14.92
N ALA B 21 8.36 13.94 -13.71
CA ALA B 21 7.68 14.44 -12.52
C ALA B 21 7.98 15.92 -12.30
N ALA B 22 9.22 16.34 -12.56
CA ALA B 22 9.60 17.73 -12.36
C ALA B 22 9.04 18.65 -13.45
N GLU B 23 8.91 18.15 -14.68
CA GLU B 23 8.46 18.98 -15.79
C GLU B 23 6.94 19.03 -15.92
N LEU B 24 6.25 17.95 -15.55
CA LEU B 24 4.80 17.84 -15.69
C LEU B 24 4.08 18.18 -14.39
N ASP B 25 4.62 19.11 -13.61
CA ASP B 25 4.04 19.44 -12.31
C ASP B 25 2.67 20.11 -12.47
N GLY B 26 2.52 20.97 -13.47
CA GLY B 26 1.27 21.68 -13.66
C GLY B 26 0.68 21.55 -15.05
N ALA B 27 0.83 20.37 -15.65
CA ALA B 27 0.32 20.12 -16.99
C ALA B 27 -1.00 19.35 -16.94
N THR B 28 -1.78 19.49 -18.01
CA THR B 28 -3.05 18.78 -18.14
C THR B 28 -2.80 17.34 -18.57
N ALA B 29 -3.84 16.51 -18.46
CA ALA B 29 -3.72 15.10 -18.82
C ALA B 29 -3.31 14.94 -20.27
N THR B 30 -3.84 15.77 -21.17
CA THR B 30 -3.45 15.70 -22.57
C THR B 30 -1.96 16.03 -22.74
N ASP B 31 -1.47 17.00 -21.97
CA ASP B 31 -0.05 17.34 -22.03
C ASP B 31 0.81 16.19 -21.53
N MET B 32 0.38 15.53 -20.45
CA MET B 32 1.14 14.39 -19.93
C MET B 32 1.15 13.24 -20.94
N LEU B 33 0.03 12.99 -21.60
CA LEU B 33 -0.01 11.93 -22.61
C LEU B 33 0.86 12.28 -23.81
N ARG B 34 0.86 13.56 -24.21
CA ARG B 34 1.73 13.98 -25.31
C ARG B 34 3.20 13.81 -24.94
N TRP B 35 3.55 14.12 -23.69
CA TRP B 35 4.93 13.91 -23.23
C TRP B 35 5.28 12.43 -23.24
N THR B 36 4.36 11.58 -22.77
CA THR B 36 4.60 10.15 -22.78
C THR B 36 4.79 9.63 -24.20
N ASP B 37 4.00 10.13 -25.14
CA ASP B 37 4.12 9.68 -26.53
C ASP B 37 5.41 10.18 -27.17
N GLU B 38 5.81 11.41 -26.88
CA GLU B 38 7.02 11.96 -27.46
C GLU B 38 8.29 11.37 -26.85
N THR B 39 8.21 10.88 -25.61
CA THR B 39 9.37 10.30 -24.95
C THR B 39 9.54 8.82 -25.24
N PHE B 40 8.46 8.05 -25.23
CA PHE B 40 8.50 6.60 -25.39
C PHE B 40 7.82 6.16 -26.68
N GLY B 41 8.04 6.91 -27.76
CA GLY B 41 7.41 6.61 -29.03
C GLY B 41 8.26 5.74 -29.93
N ASN B 60 8.18 0.67 -26.50
CA ASN B 60 7.13 1.66 -26.69
C ASN B 60 6.52 2.03 -25.33
N TYR B 61 5.21 2.28 -25.33
CA TYR B 61 4.48 2.53 -24.10
C TYR B 61 3.06 2.01 -24.27
N VAL B 62 2.44 1.63 -23.16
CA VAL B 62 1.13 0.99 -23.18
C VAL B 62 0.22 1.68 -22.16
N VAL B 63 -1.09 1.51 -22.35
CA VAL B 63 -2.10 2.08 -21.48
C VAL B 63 -2.88 0.94 -20.82
N ALA B 64 -3.18 1.10 -19.53
CA ALA B 64 -3.94 0.12 -18.78
C ALA B 64 -5.30 0.70 -18.41
N SER B 65 -6.36 -0.06 -18.66
CA SER B 65 -7.72 0.39 -18.39
C SER B 65 -8.54 -0.76 -17.83
N ASN B 66 -9.33 -0.47 -16.78
CA ASN B 66 -10.19 -1.47 -16.16
C ASN B 66 -11.56 -1.55 -16.81
N MET B 67 -11.77 -0.84 -17.92
CA MET B 67 -13.03 -0.85 -18.66
C MET B 67 -14.21 -0.40 -17.81
N ALA B 68 -13.98 0.54 -16.89
CA ALA B 68 -15.08 1.19 -16.20
C ALA B 68 -15.62 2.37 -17.01
N ASP B 69 -14.78 2.95 -17.86
CA ASP B 69 -15.16 4.00 -18.78
C ASP B 69 -14.06 4.13 -19.83
N ALA B 70 -14.27 5.01 -20.80
CA ALA B 70 -13.33 5.18 -21.90
C ALA B 70 -12.67 6.57 -21.89
N VAL B 71 -12.53 7.17 -20.71
CA VAL B 71 -11.92 8.50 -20.62
C VAL B 71 -10.44 8.42 -20.99
N LEU B 72 -9.68 7.61 -20.24
CA LEU B 72 -8.26 7.46 -20.53
C LEU B 72 -8.05 6.88 -21.93
N VAL B 73 -8.93 5.95 -22.35
CA VAL B 73 -8.82 5.39 -23.68
C VAL B 73 -9.05 6.45 -24.74
N ASP B 74 -10.06 7.31 -24.53
CA ASP B 74 -10.31 8.39 -25.48
C ASP B 74 -9.13 9.34 -25.56
N LEU B 75 -8.55 9.71 -24.43
CA LEU B 75 -7.40 10.62 -24.44
C LEU B 75 -6.20 9.98 -25.12
N ALA B 76 -5.91 8.71 -24.82
CA ALA B 76 -4.76 8.03 -25.41
C ALA B 76 -4.94 7.84 -26.90
N ALA B 77 -6.18 7.58 -27.36
CA ALA B 77 -6.41 7.47 -28.80
C ALA B 77 -6.35 8.84 -29.48
N LYS B 78 -6.73 9.91 -28.78
CA LYS B 78 -6.64 11.23 -29.35
C LYS B 78 -5.19 11.69 -29.47
N VAL B 79 -4.33 11.29 -28.54
CA VAL B 79 -2.92 11.65 -28.65
C VAL B 79 -2.10 10.67 -29.46
N ARG B 80 -2.57 9.43 -29.63
CA ARG B 80 -1.84 8.42 -30.38
C ARG B 80 -2.79 7.37 -30.93
N PRO B 81 -3.18 7.47 -32.20
CA PRO B 81 -4.02 6.42 -32.79
C PRO B 81 -3.28 5.09 -32.85
N GLY B 82 -4.02 4.03 -32.54
CA GLY B 82 -3.42 2.70 -32.50
C GLY B 82 -2.63 2.41 -31.25
N VAL B 83 -2.85 3.15 -30.18
CA VAL B 83 -2.13 2.94 -28.93
C VAL B 83 -2.54 1.60 -28.33
N PRO B 84 -1.61 0.84 -27.73
CA PRO B 84 -2.00 -0.42 -27.08
C PRO B 84 -2.65 -0.19 -25.72
N VAL B 85 -3.70 -0.96 -25.45
CA VAL B 85 -4.46 -0.85 -24.22
C VAL B 85 -4.63 -2.26 -23.64
N ILE B 86 -4.15 -2.46 -22.41
CA ILE B 86 -4.19 -3.77 -21.75
C ILE B 86 -5.46 -3.87 -20.93
N PHE B 87 -6.09 -5.05 -20.93
CA PHE B 87 -7.23 -5.32 -20.07
C PHE B 87 -7.01 -6.67 -19.40
N LEU B 88 -6.99 -6.66 -18.06
CA LEU B 88 -6.72 -7.87 -17.28
C LEU B 88 -8.04 -8.61 -17.07
N ASP B 89 -8.28 -9.63 -17.89
CA ASP B 89 -9.50 -10.43 -17.77
C ASP B 89 -9.21 -11.57 -16.81
N THR B 90 -9.49 -11.32 -15.53
CA THR B 90 -9.25 -12.32 -14.49
C THR B 90 -10.24 -13.48 -14.53
N GLY B 91 -11.34 -13.35 -15.27
CA GLY B 91 -12.38 -14.34 -15.28
C GLY B 91 -13.50 -14.11 -14.29
N TYR B 92 -13.28 -13.23 -13.30
CA TYR B 92 -14.30 -12.87 -12.31
C TYR B 92 -14.98 -11.56 -12.65
N HIS B 93 -14.84 -11.08 -13.89
CA HIS B 93 -15.38 -9.78 -14.26
C HIS B 93 -16.90 -9.85 -14.42
N PHE B 94 -17.53 -8.69 -14.36
CA PHE B 94 -18.95 -8.60 -14.67
C PHE B 94 -19.16 -8.78 -16.17
N VAL B 95 -20.37 -9.22 -16.52
CA VAL B 95 -20.72 -9.29 -17.93
C VAL B 95 -20.79 -7.89 -18.53
N GLU B 96 -21.20 -6.90 -17.72
CA GLU B 96 -21.22 -5.51 -18.21
C GLU B 96 -19.81 -5.00 -18.46
N THR B 97 -18.82 -5.46 -17.68
CA THR B 97 -17.44 -5.05 -17.92
C THR B 97 -16.93 -5.58 -19.25
N ILE B 98 -17.23 -6.85 -19.57
CA ILE B 98 -16.82 -7.40 -20.85
C ILE B 98 -17.56 -6.74 -21.99
N GLY B 99 -18.84 -6.40 -21.79
CA GLY B 99 -19.58 -5.67 -22.81
C GLY B 99 -19.00 -4.30 -23.08
N THR B 100 -18.63 -3.58 -22.01
CA THR B 100 -17.98 -2.28 -22.18
C THR B 100 -16.64 -2.42 -22.87
N ARG B 101 -15.89 -3.48 -22.54
CA ARG B 101 -14.62 -3.73 -23.21
C ARG B 101 -14.82 -3.92 -24.72
N ASP B 102 -15.81 -4.75 -25.09
CA ASP B 102 -16.09 -4.97 -26.51
C ASP B 102 -16.53 -3.69 -27.19
N ALA B 103 -17.35 -2.89 -26.52
CA ALA B 103 -17.82 -1.63 -27.12
C ALA B 103 -16.65 -0.67 -27.33
N ILE B 104 -15.76 -0.55 -26.35
CA ILE B 104 -14.61 0.33 -26.47
C ILE B 104 -13.67 -0.18 -27.57
N GLU B 105 -13.53 -1.49 -27.69
CA GLU B 105 -12.69 -2.06 -28.74
C GLU B 105 -13.26 -1.74 -30.12
N SER B 106 -14.58 -1.86 -30.27
CA SER B 106 -15.19 -1.61 -31.58
C SER B 106 -15.23 -0.14 -31.93
N VAL B 107 -15.33 0.73 -30.93
CA VAL B 107 -15.53 2.17 -31.18
C VAL B 107 -14.20 2.90 -31.37
N TYR B 108 -13.25 2.73 -30.45
CA TYR B 108 -12.05 3.56 -30.44
C TYR B 108 -10.93 2.96 -31.27
N ASP B 109 -10.02 3.83 -31.71
CA ASP B 109 -8.84 3.43 -32.48
C ASP B 109 -7.70 3.07 -31.52
N VAL B 110 -7.86 1.92 -30.87
CA VAL B 110 -6.91 1.43 -29.89
C VAL B 110 -6.73 -0.06 -30.11
N ARG B 111 -5.48 -0.52 -30.02
CA ARG B 111 -5.18 -1.95 -30.14
C ARG B 111 -5.27 -2.54 -28.73
N VAL B 112 -6.35 -3.25 -28.45
CA VAL B 112 -6.57 -3.80 -27.13
C VAL B 112 -5.92 -5.17 -27.05
N LEU B 113 -5.53 -5.55 -25.83
CA LEU B 113 -4.98 -6.87 -25.56
C LEU B 113 -5.62 -7.41 -24.29
N ASN B 114 -6.34 -8.53 -24.44
CA ASN B 114 -7.05 -9.19 -23.35
C ASN B 114 -6.07 -10.11 -22.63
N VAL B 115 -5.36 -9.56 -21.66
CA VAL B 115 -4.37 -10.32 -20.90
C VAL B 115 -5.10 -11.21 -19.89
N THR B 116 -4.92 -12.51 -20.02
CA THR B 116 -5.55 -13.49 -19.15
C THR B 116 -4.50 -14.29 -18.39
N PRO B 117 -4.80 -14.72 -17.17
CA PRO B 117 -3.84 -15.55 -16.42
C PRO B 117 -3.64 -16.90 -17.11
N GLU B 118 -2.55 -17.56 -16.73
CA GLU B 118 -2.21 -18.84 -17.34
C GLU B 118 -3.21 -19.93 -16.96
N HIS B 119 -3.84 -19.82 -15.80
CA HIS B 119 -4.82 -20.78 -15.33
C HIS B 119 -6.21 -20.16 -15.35
N THR B 120 -7.21 -20.95 -15.74
CA THR B 120 -8.59 -20.49 -15.77
C THR B 120 -9.19 -20.52 -14.36
N VAL B 121 -10.46 -20.15 -14.27
CA VAL B 121 -11.13 -20.14 -12.97
C VAL B 121 -11.33 -21.56 -12.47
N ALA B 122 -11.77 -22.47 -13.34
CA ALA B 122 -11.98 -23.86 -12.92
C ALA B 122 -10.66 -24.54 -12.59
N GLU B 123 -9.61 -24.25 -13.36
CA GLU B 123 -8.31 -24.86 -13.08
C GLU B 123 -7.78 -24.43 -11.72
N GLN B 124 -7.86 -23.12 -11.42
CA GLN B 124 -7.42 -22.64 -10.12
C GLN B 124 -8.30 -23.17 -8.99
N ASP B 125 -9.61 -23.27 -9.23
CA ASP B 125 -10.50 -23.81 -8.22
C ASP B 125 -10.22 -25.27 -7.94
N GLU B 126 -9.78 -26.03 -8.94
CA GLU B 126 -9.43 -27.42 -8.73
C GLU B 126 -8.06 -27.59 -8.09
N LEU B 127 -7.12 -26.68 -8.40
CA LEU B 127 -5.77 -26.81 -7.88
C LEU B 127 -5.66 -26.30 -6.45
N LEU B 128 -6.13 -25.08 -6.19
CA LEU B 128 -5.96 -24.42 -4.90
C LEU B 128 -7.27 -24.22 -4.15
N GLY B 129 -8.35 -24.84 -4.60
CA GLY B 129 -9.61 -24.70 -3.91
C GLY B 129 -10.50 -23.64 -4.54
N LYS B 130 -11.81 -23.82 -4.41
CA LYS B 130 -12.76 -22.90 -5.00
C LYS B 130 -12.82 -21.61 -4.19
N ASP B 131 -13.09 -20.51 -4.89
CA ASP B 131 -13.24 -19.18 -4.30
C ASP B 131 -12.00 -18.78 -3.51
N LEU B 132 -10.88 -18.70 -4.23
CA LEU B 132 -9.62 -18.28 -3.61
C LEU B 132 -9.67 -16.83 -3.16
N PHE B 133 -10.54 -16.01 -3.76
CA PHE B 133 -10.67 -14.61 -3.36
C PHE B 133 -11.14 -14.47 -1.93
N ALA B 134 -11.93 -15.43 -1.43
CA ALA B 134 -12.48 -15.33 -0.09
C ALA B 134 -11.50 -15.81 0.99
N ARG B 135 -10.66 -16.79 0.65
CA ARG B 135 -9.73 -17.36 1.62
C ARG B 135 -8.38 -16.64 1.62
N ASN B 136 -7.87 -16.28 0.44
CA ASN B 136 -6.60 -15.56 0.35
C ASN B 136 -6.67 -14.61 -0.84
N PRO B 137 -7.11 -13.37 -0.62
CA PRO B 137 -7.28 -12.45 -1.76
C PRO B 137 -5.95 -11.99 -2.35
N HIS B 138 -4.89 -11.90 -1.54
CA HIS B 138 -3.61 -11.44 -2.06
C HIS B 138 -3.07 -12.39 -3.13
N GLU B 139 -3.16 -13.70 -2.88
CA GLU B 139 -2.67 -14.66 -3.85
C GLU B 139 -3.51 -14.65 -5.11
N CYS B 140 -4.83 -14.47 -4.99
CA CYS B 140 -5.68 -14.39 -6.16
C CYS B 140 -5.33 -13.17 -7.01
N CYS B 141 -5.18 -12.01 -6.37
CA CYS B 141 -4.81 -10.80 -7.10
C CYS B 141 -3.42 -10.93 -7.72
N ARG B 142 -2.52 -11.65 -7.06
CA ARG B 142 -1.18 -11.84 -7.62
C ARG B 142 -1.23 -12.75 -8.84
N LEU B 143 -1.96 -13.86 -8.75
CA LEU B 143 -1.96 -14.84 -9.84
C LEU B 143 -2.75 -14.35 -11.04
N ARG B 144 -3.85 -13.64 -10.82
CA ARG B 144 -4.75 -13.29 -11.92
C ARG B 144 -4.56 -11.86 -12.42
N LYS B 145 -3.96 -10.97 -11.62
CA LYS B 145 -3.72 -9.61 -12.06
C LYS B 145 -2.25 -9.24 -12.12
N VAL B 146 -1.51 -9.45 -11.04
CA VAL B 146 -0.17 -8.90 -10.93
C VAL B 146 0.83 -9.66 -11.79
N VAL B 147 0.79 -10.99 -11.74
CA VAL B 147 1.73 -11.82 -12.51
C VAL B 147 1.47 -11.65 -14.02
N PRO B 148 0.22 -11.71 -14.50
CA PRO B 148 0.02 -11.46 -15.94
C PRO B 148 0.37 -10.05 -16.36
N LEU B 149 0.04 -9.05 -15.53
CA LEU B 149 0.41 -7.67 -15.85
C LEU B 149 1.92 -7.51 -15.94
N GLY B 150 2.66 -8.15 -15.03
CA GLY B 150 4.11 -8.08 -15.09
C GLY B 150 4.69 -8.82 -16.28
N LYS B 151 4.12 -9.97 -16.62
CA LYS B 151 4.59 -10.71 -17.78
C LYS B 151 4.30 -9.96 -19.08
N THR B 152 3.23 -9.16 -19.10
CA THR B 152 2.93 -8.39 -20.31
C THR B 152 3.76 -7.12 -20.37
N LEU B 153 3.94 -6.43 -19.24
CA LEU B 153 4.67 -5.17 -19.19
C LEU B 153 6.17 -5.34 -19.45
N ARG B 154 6.69 -6.57 -19.38
CA ARG B 154 8.10 -6.81 -19.68
C ARG B 154 8.35 -6.51 -21.15
N GLY B 155 9.02 -5.38 -21.42
CA GLY B 155 9.25 -4.96 -22.78
C GLY B 155 8.88 -3.51 -23.01
N TYR B 156 7.83 -3.05 -22.33
CA TYR B 156 7.41 -1.66 -22.40
C TYR B 156 8.17 -0.83 -21.38
N SER B 157 8.64 0.34 -21.82
CA SER B 157 9.40 1.22 -20.94
C SER B 157 8.53 2.10 -20.07
N ALA B 158 7.24 2.23 -20.40
CA ALA B 158 6.33 3.06 -19.62
C ALA B 158 4.92 2.53 -19.78
N TRP B 159 4.09 2.75 -18.76
CA TRP B 159 2.68 2.35 -18.81
C TRP B 159 1.82 3.44 -18.20
N VAL B 160 0.64 3.63 -18.77
CA VAL B 160 -0.28 4.70 -18.38
C VAL B 160 -1.46 4.08 -17.64
N THR B 161 -1.85 4.68 -16.52
CA THR B 161 -2.97 4.21 -15.73
C THR B 161 -3.95 5.35 -15.51
N GLY B 162 -5.18 4.99 -15.20
CA GLY B 162 -6.21 5.97 -14.92
C GLY B 162 -6.42 6.18 -13.44
N LEU B 163 -5.36 5.98 -12.67
CA LEU B 163 -5.44 6.15 -11.22
C LEU B 163 -5.64 7.61 -10.88
N ARG B 164 -6.57 7.87 -9.96
CA ARG B 164 -6.89 9.22 -9.51
C ARG B 164 -6.67 9.33 -8.00
N ARG B 165 -6.17 10.48 -7.57
CA ARG B 165 -5.89 10.68 -6.15
C ARG B 165 -7.13 10.71 -5.29
N VAL B 166 -8.33 10.79 -5.90
CA VAL B 166 -9.58 10.76 -5.14
C VAL B 166 -10.12 9.35 -4.98
N ASP B 167 -9.44 8.34 -5.56
CA ASP B 167 -9.94 6.97 -5.48
C ASP B 167 -9.96 6.46 -4.05
N ALA B 168 -8.92 6.78 -3.27
CA ALA B 168 -8.81 6.31 -1.90
C ALA B 168 -8.00 7.33 -1.10
N PRO B 169 -8.17 7.36 0.22
CA PRO B 169 -7.35 8.26 1.03
C PRO B 169 -5.87 7.90 1.01
N THR B 170 -5.54 6.64 0.74
CA THR B 170 -4.14 6.22 0.61
C THR B 170 -3.52 6.62 -0.71
N ARG B 171 -4.32 7.07 -1.68
CA ARG B 171 -3.82 7.52 -2.97
C ARG B 171 -3.71 9.03 -3.07
N ALA B 172 -3.76 9.74 -1.94
CA ALA B 172 -3.77 11.20 -1.96
C ALA B 172 -2.49 11.77 -2.56
N ASN B 173 -1.35 11.14 -2.28
CA ASN B 173 -0.06 11.62 -2.76
C ASN B 173 0.39 10.89 -4.02
N ALA B 174 -0.56 10.42 -4.83
CA ALA B 174 -0.23 9.74 -6.07
C ALA B 174 0.54 10.68 -7.00
N PRO B 175 1.75 10.33 -7.41
CA PRO B 175 2.54 11.24 -8.24
C PRO B 175 2.09 11.21 -9.69
N LEU B 176 2.44 12.29 -10.40
CA LEU B 176 2.13 12.38 -11.81
C LEU B 176 2.94 11.37 -12.62
N VAL B 177 4.27 11.45 -12.53
CA VAL B 177 5.17 10.48 -13.14
C VAL B 177 6.10 9.96 -12.06
N SER B 178 6.37 8.66 -12.08
CA SER B 178 7.25 8.04 -11.09
C SER B 178 7.82 6.77 -11.67
N PHE B 179 8.58 6.05 -10.85
CA PHE B 179 9.18 4.78 -11.23
C PHE B 179 8.51 3.68 -10.43
N ASP B 180 7.61 2.95 -11.07
CA ASP B 180 6.99 1.78 -10.44
C ASP B 180 8.05 0.73 -10.12
N GLU B 181 8.19 0.45 -8.83
CA GLU B 181 9.15 -0.52 -8.31
C GLU B 181 8.60 -1.94 -8.30
N THR B 182 7.30 -2.12 -8.54
CA THR B 182 6.72 -3.46 -8.60
C THR B 182 7.03 -4.12 -9.94
N PHE B 183 6.94 -3.35 -11.02
CA PHE B 183 7.31 -3.82 -12.35
C PHE B 183 8.57 -3.14 -12.87
N LYS B 184 9.13 -2.21 -12.11
CA LYS B 184 10.41 -1.56 -12.43
C LYS B 184 10.35 -0.88 -13.80
N LEU B 185 9.47 0.11 -13.91
CA LEU B 185 9.35 0.86 -15.15
C LEU B 185 8.57 2.15 -14.88
N VAL B 186 8.55 3.03 -15.89
CA VAL B 186 7.96 4.34 -15.71
C VAL B 186 6.44 4.23 -15.60
N LYS B 187 5.86 4.86 -14.58
CA LYS B 187 4.43 4.87 -14.34
C LYS B 187 3.92 6.31 -14.36
N VAL B 188 2.93 6.57 -15.20
CA VAL B 188 2.37 7.91 -15.36
C VAL B 188 0.87 7.83 -15.15
N ASN B 189 0.34 8.69 -14.28
CA ASN B 189 -1.10 8.75 -13.97
C ASN B 189 -1.61 10.13 -14.39
N PRO B 190 -2.16 10.25 -15.60
CA PRO B 190 -2.63 11.57 -16.04
C PRO B 190 -3.87 12.04 -15.30
N LEU B 191 -4.75 11.14 -14.88
CA LEU B 191 -6.00 11.50 -14.23
C LEU B 191 -5.85 11.65 -12.71
N ALA B 192 -4.64 11.90 -12.24
CA ALA B 192 -4.43 12.03 -10.79
C ALA B 192 -5.18 13.23 -10.22
N ALA B 193 -4.94 14.41 -10.78
CA ALA B 193 -5.57 15.63 -10.28
C ALA B 193 -7.06 15.69 -10.58
N TRP B 194 -7.58 14.81 -11.42
CA TRP B 194 -9.00 14.86 -11.77
C TRP B 194 -9.87 14.45 -10.58
N THR B 195 -11.02 15.10 -10.48
CA THR B 195 -12.02 14.79 -9.46
C THR B 195 -13.24 14.15 -10.10
N ASP B 196 -14.26 13.91 -9.29
CA ASP B 196 -15.51 13.35 -9.82
C ASP B 196 -16.19 14.32 -10.77
N GLN B 197 -16.21 15.61 -10.41
CA GLN B 197 -16.82 16.61 -11.29
C GLN B 197 -16.05 16.72 -12.60
N ASP B 198 -14.72 16.59 -12.54
CA ASP B 198 -13.92 16.68 -13.76
C ASP B 198 -14.27 15.54 -14.72
N VAL B 199 -14.31 14.30 -14.22
CA VAL B 199 -14.60 13.17 -15.08
C VAL B 199 -16.05 13.23 -15.58
N GLN B 200 -16.97 13.68 -14.73
CA GLN B 200 -18.36 13.83 -15.16
C GLN B 200 -18.47 14.84 -16.29
N GLU B 201 -17.86 16.02 -16.13
CA GLU B 201 -17.90 17.03 -17.17
C GLU B 201 -17.24 16.55 -18.44
N TYR B 202 -16.14 15.79 -18.32
CA TYR B 202 -15.47 15.28 -19.50
C TYR B 202 -16.35 14.29 -20.26
N ILE B 203 -16.99 13.37 -19.53
CA ILE B 203 -17.89 12.40 -20.17
C ILE B 203 -19.07 13.12 -20.80
N ALA B 204 -19.57 14.16 -20.16
CA ALA B 204 -20.71 14.90 -20.71
C ALA B 204 -20.33 15.66 -21.97
N ASP B 205 -19.19 16.36 -21.95
CA ASP B 205 -18.79 17.20 -23.06
C ASP B 205 -18.19 16.41 -24.22
N ASN B 206 -17.74 15.19 -23.99
CA ASN B 206 -17.11 14.39 -25.02
C ASN B 206 -17.91 13.16 -25.43
N ASP B 207 -19.02 12.88 -24.75
CA ASP B 207 -19.88 11.72 -25.06
C ASP B 207 -19.06 10.42 -25.04
N VAL B 208 -18.46 10.16 -23.89
CA VAL B 208 -17.59 9.01 -23.71
C VAL B 208 -18.40 7.82 -23.23
N LEU B 209 -18.00 6.63 -23.65
CA LEU B 209 -18.68 5.42 -23.24
C LEU B 209 -18.47 5.18 -21.75
N VAL B 210 -19.51 4.63 -21.10
CA VAL B 210 -19.50 4.40 -19.66
C VAL B 210 -20.08 3.03 -19.38
N ASN B 211 -19.44 2.30 -18.48
CA ASN B 211 -19.95 1.00 -18.07
C ASN B 211 -21.34 1.15 -17.47
N PRO B 212 -22.30 0.29 -17.83
CA PRO B 212 -23.65 0.42 -17.27
C PRO B 212 -23.71 0.33 -15.75
N LEU B 213 -22.75 -0.35 -15.12
CA LEU B 213 -22.77 -0.47 -13.67
C LEU B 213 -22.51 0.85 -12.98
N VAL B 214 -21.78 1.76 -13.63
CA VAL B 214 -21.58 3.09 -13.08
C VAL B 214 -22.91 3.83 -12.99
N ARG B 215 -23.82 3.57 -13.95
CA ARG B 215 -25.13 4.20 -13.91
C ARG B 215 -26.00 3.63 -12.80
N GLU B 216 -25.76 2.38 -12.40
CA GLU B 216 -26.55 1.72 -11.37
C GLU B 216 -25.99 1.94 -9.96
N GLY B 217 -25.17 2.96 -9.78
CA GLY B 217 -24.70 3.33 -8.45
C GLY B 217 -23.54 2.52 -7.92
N TYR B 218 -22.65 2.06 -8.81
CA TYR B 218 -21.46 1.32 -8.36
C TYR B 218 -20.32 2.29 -8.14
N PRO B 219 -19.73 2.35 -6.93
CA PRO B 219 -18.61 3.27 -6.70
C PRO B 219 -17.42 3.00 -7.60
N SER B 220 -16.89 1.77 -7.55
CA SER B 220 -15.81 1.33 -8.40
C SER B 220 -16.23 0.06 -9.14
N ILE B 221 -15.44 -0.32 -10.14
CA ILE B 221 -15.71 -1.50 -10.94
C ILE B 221 -14.44 -2.34 -11.04
N GLY B 222 -14.54 -3.59 -10.63
CA GLY B 222 -13.43 -4.54 -10.72
C GLY B 222 -13.96 -5.94 -10.87
N CYS B 223 -13.32 -6.90 -10.22
CA CYS B 223 -13.84 -8.25 -10.22
C CYS B 223 -15.16 -8.32 -9.45
N ALA B 224 -16.07 -9.16 -9.93
CA ALA B 224 -17.41 -9.22 -9.33
C ALA B 224 -17.38 -9.61 -7.85
N PRO B 225 -16.69 -10.66 -7.41
CA PRO B 225 -16.72 -11.02 -5.98
C PRO B 225 -15.97 -10.03 -5.09
N CYS B 226 -15.16 -9.13 -5.65
CA CYS B 226 -14.38 -8.19 -4.87
C CYS B 226 -14.75 -6.74 -5.20
N THR B 227 -16.01 -6.50 -5.56
CA THR B 227 -16.50 -5.16 -5.86
C THR B 227 -17.68 -4.86 -4.93
N ALA B 228 -17.62 -3.70 -4.27
CA ALA B 228 -18.67 -3.32 -3.33
C ALA B 228 -19.96 -3.02 -4.08
N LYS B 229 -21.00 -3.83 -3.84
CA LYS B 229 -22.28 -3.63 -4.47
C LYS B 229 -23.01 -2.44 -3.84
N PRO B 230 -23.82 -1.72 -4.62
CA PRO B 230 -24.58 -0.60 -4.03
C PRO B 230 -25.58 -1.05 -2.97
N ALA B 231 -26.39 -2.05 -3.28
CA ALA B 231 -27.40 -2.54 -2.33
C ALA B 231 -27.85 -3.94 -2.70
FE1 SF4 C . 15.47 -0.19 4.72
FE2 SF4 C . 16.93 -1.94 6.23
FE3 SF4 C . 18.20 -0.07 4.70
FE4 SF4 C . 16.93 -2.16 3.50
S1 SF4 C . 18.74 -2.28 4.88
S2 SF4 C . 16.82 0.03 2.89
S3 SF4 C . 15.14 -2.44 4.90
S4 SF4 C . 16.83 0.32 6.47
O1 MES D . -1.76 -7.77 10.35
C2 MES D . -0.93 -7.54 9.21
C3 MES D . 0.34 -6.79 9.57
N4 MES D . -0.03 -5.63 10.38
C5 MES D . -0.90 -5.85 11.53
C6 MES D . -2.13 -6.57 11.00
C7 MES D . 0.98 -4.59 10.51
C8 MES D . 0.19 -3.31 10.77
S MES D . 0.71 -2.59 12.17
O1S MES D . 2.17 -2.36 12.11
O2S MES D . 0.41 -3.48 13.32
O3S MES D . 0.00 -1.31 12.36
SB ADX E . 8.62 -5.60 9.31
O1B ADX E . 9.30 -5.00 10.50
O2B ADX E . 9.81 -6.29 8.60
O3B ADX E . 8.00 -4.53 8.43
PA ADX E . 7.72 -7.57 11.20
O1A ADX E . 9.19 -7.96 11.30
O2A ADX E . 6.85 -8.83 11.21
O3A ADX E . 7.46 -6.71 9.77
O5' ADX E . 7.30 -6.60 12.45
C5' ADX E . 6.43 -5.56 12.18
C4' ADX E . 6.03 -4.78 13.53
O4' ADX E . 7.07 -4.19 14.00
C3' ADX E . 5.01 -3.69 13.19
O3' ADX E . 3.76 -4.04 13.65
C2' ADX E . 5.51 -2.44 13.90
O2' ADX E . 4.91 -2.37 15.31
C1' ADX E . 6.79 -2.59 13.96
N9 ADX E . 7.41 -2.01 12.82
C8 ADX E . 8.05 -2.65 11.83
N7 ADX E . 8.48 -1.76 10.96
C5 ADX E . 8.10 -0.56 11.39
C6 ADX E . 8.30 0.72 10.86
N6 ADX E . 8.93 1.17 9.71
N1 ADX E . 7.82 1.78 11.49
C2 ADX E . 7.16 1.63 12.66
N3 ADX E . 6.96 0.39 13.19
C4 ADX E . 7.45 -0.70 12.54
FE1 SF4 F . -10.21 -10.27 -8.80
FE2 SF4 F . -10.73 -10.53 -6.13
FE3 SF4 F . -8.21 -9.85 -6.97
FE4 SF4 F . -9.16 -12.38 -7.40
S1 SF4 F . -8.75 -11.39 -5.38
S2 SF4 F . -8.07 -11.05 -8.90
S3 SF4 F . -11.36 -11.96 -7.79
S4 SF4 F . -10.13 -8.63 -7.23
O1 MES G . -12.58 8.00 -13.69
C2 MES G . -13.24 6.84 -13.19
C3 MES G . -12.32 5.62 -13.23
N4 MES G . -11.71 5.54 -14.55
C5 MES G . -11.06 6.72 -15.09
C6 MES G . -12.10 7.83 -15.03
C7 MES G . -11.12 4.25 -14.90
C8 MES G . -11.18 4.16 -16.42
S MES G . -9.65 3.89 -17.03
O1S MES G . -9.08 2.68 -16.40
O2S MES G . -8.80 5.06 -16.73
O3S MES G . -9.74 3.71 -18.49
SB ADX H . -9.53 -0.82 -9.02
O1B ADX H . -8.27 -1.47 -9.50
O2B ADX H . -9.69 -1.49 -7.62
O3B ADX H . -10.70 -1.16 -9.93
PA ADX H . -7.85 1.45 -8.50
O1A ADX H . -7.20 0.59 -7.43
O2A ADX H . -8.02 2.88 -7.97
O3A ADX H . -9.36 0.81 -8.89
O5' ADX H . -6.91 1.47 -9.85
C5' ADX H . -7.54 1.45 -11.08
C4' ADX H . -6.42 1.62 -12.24
O4' ADX H . -5.62 0.62 -12.22
C3' ADX H . -7.10 1.60 -13.63
O3' ADX H . -7.13 2.88 -14.15
C2' ADX H . -6.22 0.70 -14.47
O2' ADX H . -5.08 1.53 -15.12
C1' ADX H . -5.72 -0.15 -13.65
N9 ADX H . -6.55 -1.30 -13.56
C8 ADX H . -7.31 -1.66 -12.51
N7 ADX H . -7.93 -2.79 -12.83
C5 ADX H . -7.53 -3.14 -14.07
C6 ADX H . -7.87 -4.21 -14.87
N6 ADX H . -8.72 -5.31 -14.68
N1 ADX H . -7.34 -4.33 -16.08
C2 ADX H . -6.47 -3.39 -16.53
N3 ADX H . -6.14 -2.34 -15.75
C4 ADX H . -6.69 -2.21 -14.51
#